data_1ITH
#
_entry.id   1ITH
#
_cell.length_a   104.800
_cell.length_b   54.900
_cell.length_c   110.600
_cell.angle_alpha   90.00
_cell.angle_beta   90.00
_cell.angle_gamma   90.00
#
_symmetry.space_group_name_H-M   'C 2 2 21'
#
loop_
_entity.id
_entity.type
_entity.pdbx_description
1 polymer 'HEMOGLOBIN (CYANO MET)'
2 non-polymer 'CYANIDE ION'
3 non-polymer 'PROTOPORPHYRIN IX CONTAINING FE'
4 water water
#
_entity_poly.entity_id   1
_entity_poly.type   'polypeptide(L)'
_entity_poly.pdbx_seq_one_letter_code
;GLTAAQIKAIQDHWFLNIKGCLQAAADSIFFKYLTAYPGDLAFFHKFSSVPLYGLRSNPAYKAQTLTVINYLDKVVDALG
GNAGALMKAKVPSHDAMGITPKHFGQLLKLVGGVFQEEFSADPTTVAAWGDAAGVLVAAMK
;
_entity_poly.pdbx_strand_id   A,B
#
loop_
_chem_comp.id
_chem_comp.type
_chem_comp.name
_chem_comp.formula
CYN non-polymer 'CYANIDE ION' 'C N -1'
HEM non-polymer 'PROTOPORPHYRIN IX CONTAINING FE' 'C34 H32 Fe N4 O4'
#
# COMPACT_ATOMS: atom_id res chain seq x y z
N GLY A 1 23.27 -12.76 0.01
CA GLY A 1 23.25 -11.69 -1.00
C GLY A 1 22.17 -12.02 -2.04
N LEU A 2 21.62 -11.02 -2.78
CA LEU A 2 20.45 -11.21 -3.65
C LEU A 2 20.51 -11.61 -5.11
N THR A 3 19.82 -12.67 -5.50
CA THR A 3 19.74 -13.08 -6.88
C THR A 3 18.39 -12.67 -7.44
N ALA A 4 18.17 -12.60 -8.74
CA ALA A 4 16.86 -12.23 -9.30
C ALA A 4 15.73 -13.15 -8.83
N ALA A 5 16.07 -14.37 -8.42
CA ALA A 5 15.08 -15.32 -7.96
C ALA A 5 14.57 -14.86 -6.59
N GLN A 6 15.50 -14.53 -5.70
CA GLN A 6 15.23 -13.97 -4.39
C GLN A 6 14.39 -12.70 -4.48
N ILE A 7 14.71 -11.75 -5.34
CA ILE A 7 13.91 -10.54 -5.55
C ILE A 7 12.53 -10.89 -6.08
N LYS A 8 12.29 -11.93 -6.90
CA LYS A 8 10.93 -12.30 -7.36
C LYS A 8 10.17 -12.95 -6.20
N ALA A 9 10.86 -13.79 -5.43
CA ALA A 9 10.29 -14.45 -4.29
C ALA A 9 9.71 -13.37 -3.35
N ILE A 10 10.50 -12.39 -2.93
CA ILE A 10 10.07 -11.29 -2.07
C ILE A 10 8.95 -10.49 -2.71
N GLN A 11 9.16 -9.99 -3.93
CA GLN A 11 8.13 -9.18 -4.55
C GLN A 11 6.77 -9.81 -4.76
N ASP A 12 6.72 -11.07 -5.18
CA ASP A 12 5.45 -11.78 -5.40
C ASP A 12 4.70 -12.01 -4.13
N HIS A 13 5.44 -12.39 -3.09
CA HIS A 13 4.82 -12.58 -1.79
C HIS A 13 4.28 -11.27 -1.22
N TRP A 14 5.05 -10.17 -1.36
CA TRP A 14 4.70 -8.85 -0.84
C TRP A 14 3.43 -8.44 -1.54
N PHE A 15 3.31 -8.64 -2.85
CA PHE A 15 2.09 -8.29 -3.52
C PHE A 15 0.94 -9.16 -3.02
N LEU A 16 1.20 -10.43 -2.73
CA LEU A 16 0.16 -11.39 -2.31
C LEU A 16 -0.40 -11.21 -0.93
N ASN A 17 0.47 -11.03 0.06
CA ASN A 17 0.03 -11.07 1.45
C ASN A 17 0.25 -9.81 2.28
N ILE A 18 1.07 -8.88 1.75
CA ILE A 18 1.46 -7.68 2.47
C ILE A 18 0.84 -6.45 1.90
N LYS A 19 0.96 -6.20 0.60
CA LYS A 19 0.43 -4.99 0.01
C LYS A 19 -1.04 -4.71 0.26
N GLY A 20 -1.93 -5.67 0.24
CA GLY A 20 -3.34 -5.46 0.45
C GLY A 20 -3.69 -5.08 1.89
N CYS A 21 -2.81 -5.32 2.86
CA CYS A 21 -3.05 -5.02 4.25
C CYS A 21 -1.74 -4.59 4.85
N LEU A 22 -1.24 -3.42 4.42
CA LEU A 22 0.04 -2.93 4.91
C LEU A 22 0.03 -2.64 6.41
N GLN A 23 -1.10 -2.16 6.99
CA GLN A 23 -1.20 -1.88 8.43
C GLN A 23 -0.98 -3.11 9.33
N ALA A 24 -1.47 -4.30 8.94
CA ALA A 24 -1.30 -5.50 9.78
C ALA A 24 0.12 -6.02 9.84
N ALA A 25 0.71 -5.96 8.64
CA ALA A 25 2.08 -6.41 8.49
C ALA A 25 2.93 -5.44 9.28
N ALA A 26 2.66 -4.12 9.20
CA ALA A 26 3.40 -3.10 9.93
C ALA A 26 3.30 -3.26 11.45
N ASP A 27 2.06 -3.36 11.99
CA ASP A 27 1.79 -3.59 13.41
C ASP A 27 2.51 -4.78 13.96
N SER A 28 2.51 -5.91 13.24
CA SER A 28 3.17 -7.12 13.70
C SER A 28 4.69 -7.11 13.56
N ILE A 29 5.26 -6.47 12.54
CA ILE A 29 6.71 -6.34 12.46
C ILE A 29 7.12 -5.50 13.65
N PHE A 30 6.51 -4.36 13.95
CA PHE A 30 6.97 -3.61 15.10
C PHE A 30 6.62 -4.25 16.44
N PHE A 31 5.47 -4.96 16.52
CA PHE A 31 5.18 -5.70 17.73
C PHE A 31 6.23 -6.78 18.00
N LYS A 32 6.64 -7.66 17.07
CA LYS A 32 7.75 -8.60 17.30
C LYS A 32 9.07 -7.87 17.66
N TYR A 33 9.36 -6.70 17.09
CA TYR A 33 10.52 -5.89 17.48
C TYR A 33 10.45 -5.41 18.93
N LEU A 34 9.36 -4.74 19.25
CA LEU A 34 9.17 -4.17 20.56
C LEU A 34 9.00 -5.20 21.66
N THR A 35 8.56 -6.41 21.32
CA THR A 35 8.57 -7.49 22.29
C THR A 35 9.97 -8.00 22.54
N ALA A 36 10.75 -8.17 21.46
CA ALA A 36 12.10 -8.67 21.63
C ALA A 36 13.03 -7.62 22.24
N TYR A 37 12.79 -6.33 21.94
CA TYR A 37 13.66 -5.23 22.36
C TYR A 37 12.82 -4.18 23.11
N PRO A 38 12.28 -4.50 24.31
CA PRO A 38 11.27 -3.69 24.95
C PRO A 38 11.81 -2.33 25.36
N GLY A 39 13.08 -2.14 25.67
CA GLY A 39 13.52 -0.81 26.07
C GLY A 39 13.46 0.25 24.95
N ASP A 40 13.54 -0.12 23.67
CA ASP A 40 13.61 0.84 22.59
C ASP A 40 12.24 1.52 22.41
N LEU A 41 11.23 1.07 23.14
CA LEU A 41 9.95 1.75 23.16
C LEU A 41 10.15 3.21 23.66
N ALA A 42 11.16 3.47 24.49
CA ALA A 42 11.41 4.80 24.99
C ALA A 42 11.70 5.75 23.82
N PHE A 43 12.37 5.33 22.73
CA PHE A 43 12.61 6.14 21.55
C PHE A 43 11.32 6.66 20.93
N PHE A 44 10.19 5.96 21.04
CA PHE A 44 8.95 6.37 20.42
C PHE A 44 8.05 7.21 21.33
N HIS A 45 8.50 8.47 21.48
CA HIS A 45 7.89 9.44 22.40
C HIS A 45 6.42 9.69 22.21
N LYS A 46 5.81 9.54 21.03
CA LYS A 46 4.40 9.71 21.01
C LYS A 46 3.63 8.45 21.37
N PHE A 47 4.26 7.37 21.83
CA PHE A 47 3.49 6.26 22.41
C PHE A 47 4.30 5.50 23.47
N SER A 48 5.41 6.06 23.98
CA SER A 48 6.25 5.41 24.99
C SER A 48 5.64 5.15 26.35
N SER A 49 4.44 5.60 26.63
CA SER A 49 3.80 5.30 27.88
C SER A 49 2.68 4.28 27.72
N VAL A 50 2.45 3.77 26.53
CA VAL A 50 1.47 2.72 26.34
C VAL A 50 2.27 1.48 26.74
N PRO A 51 1.72 0.52 27.54
CA PRO A 51 2.36 -0.77 27.83
C PRO A 51 2.19 -1.59 26.58
N LEU A 52 3.12 -2.54 26.35
CA LEU A 52 3.15 -3.42 25.15
C LEU A 52 1.84 -4.00 24.69
N TYR A 53 1.06 -4.49 25.66
CA TYR A 53 -0.23 -5.06 25.34
C TYR A 53 -1.23 -4.10 24.84
N GLY A 54 -0.98 -2.79 24.94
CA GLY A 54 -1.96 -1.80 24.47
C GLY A 54 -1.67 -1.16 23.12
N LEU A 55 -0.47 -1.46 22.57
CA LEU A 55 0.02 -0.83 21.37
C LEU A 55 -0.77 -1.11 20.10
N ARG A 56 -1.20 -2.32 19.69
CA ARG A 56 -1.90 -2.55 18.44
C ARG A 56 -3.18 -1.72 18.26
N SER A 57 -3.67 -1.22 19.37
CA SER A 57 -4.91 -0.47 19.45
C SER A 57 -4.62 1.04 19.46
N ASN A 58 -3.40 1.42 19.79
CA ASN A 58 -3.01 2.80 19.92
C ASN A 58 -2.89 3.47 18.54
N PRO A 59 -3.66 4.53 18.28
CA PRO A 59 -3.59 5.31 17.08
C PRO A 59 -2.22 5.86 16.70
N ALA A 60 -1.35 6.26 17.65
CA ALA A 60 -0.08 6.85 17.23
C ALA A 60 0.88 5.73 16.83
N TYR A 61 0.79 4.58 17.47
CA TYR A 61 1.55 3.39 17.09
C TYR A 61 1.31 3.02 15.63
N LYS A 62 0.04 2.95 15.23
CA LYS A 62 -0.39 2.58 13.91
C LYS A 62 0.02 3.59 12.85
N ALA A 63 0.07 4.88 13.17
CA ALA A 63 0.55 5.91 12.26
C ALA A 63 2.03 5.67 11.99
N GLN A 64 2.83 5.45 13.05
CA GLN A 64 4.26 5.22 12.95
C GLN A 64 4.63 4.02 12.11
N THR A 65 4.03 2.91 12.52
CA THR A 65 4.16 1.64 11.86
C THR A 65 3.83 1.70 10.34
N LEU A 66 2.72 2.31 9.95
CA LEU A 66 2.36 2.43 8.56
C LEU A 66 3.34 3.38 7.87
N THR A 67 3.86 4.48 8.47
CA THR A 67 4.89 5.33 7.86
C THR A 67 6.17 4.54 7.55
N VAL A 68 6.53 3.56 8.40
CA VAL A 68 7.67 2.71 8.10
C VAL A 68 7.35 1.80 6.92
N ILE A 69 6.26 0.99 6.95
CA ILE A 69 5.97 -0.01 5.92
C ILE A 69 5.66 0.67 4.60
N ASN A 70 5.14 1.90 4.61
CA ASN A 70 4.83 2.70 3.41
C ASN A 70 6.18 2.96 2.72
N TYR A 71 7.24 3.29 3.45
CA TYR A 71 8.57 3.45 2.91
C TYR A 71 9.19 2.14 2.43
N LEU A 72 9.13 1.11 3.28
CA LEU A 72 9.61 -0.23 3.00
C LEU A 72 8.97 -0.79 1.73
N ASP A 73 7.72 -0.47 1.44
CA ASP A 73 7.03 -0.92 0.25
C ASP A 73 7.82 -0.47 -0.98
N LYS A 74 8.20 0.82 -0.88
CA LYS A 74 9.00 1.45 -1.94
C LYS A 74 10.38 0.83 -1.99
N VAL A 75 11.05 0.39 -0.89
CA VAL A 75 12.36 -0.23 -1.10
C VAL A 75 12.17 -1.64 -1.66
N VAL A 76 11.06 -2.33 -1.45
CA VAL A 76 10.85 -3.61 -2.04
C VAL A 76 10.74 -3.41 -3.56
N ASP A 77 9.95 -2.44 -4.05
CA ASP A 77 9.85 -2.16 -5.47
C ASP A 77 11.20 -1.99 -6.16
N ALA A 78 12.14 -1.44 -5.40
CA ALA A 78 13.44 -1.11 -5.89
C ALA A 78 14.51 -2.07 -5.42
N LEU A 79 14.29 -3.37 -5.17
CA LEU A 79 15.38 -4.24 -4.74
C LEU A 79 16.45 -4.52 -5.80
N GLY A 80 16.15 -4.60 -7.08
CA GLY A 80 17.23 -4.68 -8.08
C GLY A 80 17.43 -3.24 -8.59
N GLY A 81 17.83 -2.34 -7.70
CA GLY A 81 17.87 -0.96 -8.09
C GLY A 81 18.37 -0.17 -6.93
N ASN A 82 17.70 0.89 -6.56
CA ASN A 82 18.21 1.77 -5.53
C ASN A 82 17.70 1.53 -4.12
N ALA A 83 17.28 0.29 -3.79
CA ALA A 83 16.84 -0.10 -2.44
C ALA A 83 17.81 0.29 -1.30
N GLY A 84 19.11 0.12 -1.64
CA GLY A 84 20.25 0.44 -0.81
C GLY A 84 20.21 1.90 -0.46
N ALA A 85 20.19 2.74 -1.50
CA ALA A 85 20.20 4.18 -1.35
C ALA A 85 18.99 4.68 -0.56
N LEU A 86 17.82 4.00 -0.71
CA LEU A 86 16.62 4.40 0.04
C LEU A 86 16.77 4.04 1.49
N MET A 87 17.45 2.94 1.81
CA MET A 87 17.71 2.64 3.20
C MET A 87 18.69 3.65 3.77
N LYS A 88 19.85 3.88 3.09
CA LYS A 88 20.82 4.81 3.58
C LYS A 88 20.29 6.22 3.66
N ALA A 89 19.37 6.67 2.84
CA ALA A 89 18.75 7.99 2.95
C ALA A 89 18.05 8.28 4.26
N LYS A 90 17.87 7.26 5.13
CA LYS A 90 17.21 7.39 6.42
C LYS A 90 18.16 7.33 7.60
N VAL A 91 19.41 6.94 7.32
CA VAL A 91 20.38 6.85 8.39
C VAL A 91 20.67 8.19 9.07
N PRO A 92 21.05 9.33 8.43
CA PRO A 92 21.41 10.54 9.18
C PRO A 92 20.30 11.03 10.11
N SER A 93 19.00 11.11 9.79
CA SER A 93 18.01 11.54 10.76
C SER A 93 17.83 10.65 11.99
N HIS A 94 17.93 9.32 11.82
CA HIS A 94 17.84 8.37 12.91
C HIS A 94 19.11 8.37 13.73
N ASP A 95 20.25 8.70 13.12
CA ASP A 95 21.53 8.69 13.83
C ASP A 95 21.48 9.79 14.88
N ALA A 96 20.89 10.90 14.49
CA ALA A 96 20.69 12.09 15.35
C ALA A 96 19.90 11.81 16.64
N MET A 97 19.13 10.71 16.64
CA MET A 97 18.32 10.26 17.74
C MET A 97 18.95 9.14 18.53
N GLY A 98 20.13 8.70 18.12
CA GLY A 98 20.79 7.58 18.79
C GLY A 98 20.47 6.22 18.16
N ILE A 99 19.76 6.22 17.05
CA ILE A 99 19.34 5.00 16.39
C ILE A 99 20.25 4.72 15.21
N THR A 100 21.10 3.73 15.46
CA THR A 100 22.11 3.29 14.53
C THR A 100 21.71 2.18 13.53
N PRO A 101 22.50 1.85 12.50
CA PRO A 101 22.42 0.58 11.79
C PRO A 101 22.29 -0.68 12.68
N LYS A 102 22.81 -0.75 13.91
CA LYS A 102 22.48 -1.86 14.83
C LYS A 102 20.95 -2.05 14.89
N HIS A 103 20.25 -0.95 15.15
CA HIS A 103 18.82 -0.94 15.31
C HIS A 103 18.03 -1.44 14.11
N PHE A 104 18.37 -0.93 12.94
CA PHE A 104 17.76 -1.31 11.67
C PHE A 104 17.99 -2.80 11.38
N GLY A 105 19.13 -3.34 11.78
CA GLY A 105 19.41 -4.72 11.54
C GLY A 105 18.46 -5.58 12.37
N GLN A 106 18.29 -5.15 13.64
CA GLN A 106 17.35 -5.81 14.53
C GLN A 106 15.96 -5.92 13.93
N LEU A 107 15.43 -4.85 13.33
CA LEU A 107 14.14 -4.80 12.61
C LEU A 107 14.09 -5.67 11.33
N LEU A 108 15.02 -5.41 10.42
CA LEU A 108 15.11 -6.11 9.16
C LEU A 108 15.23 -7.62 9.37
N LYS A 109 15.92 -8.07 10.41
CA LYS A 109 16.10 -9.49 10.65
C LYS A 109 14.86 -10.23 11.10
N LEU A 110 13.94 -9.57 11.74
CA LEU A 110 12.69 -10.14 12.22
C LEU A 110 11.65 -10.33 11.12
N VAL A 111 11.78 -9.68 9.95
CA VAL A 111 10.72 -9.65 8.94
C VAL A 111 10.35 -10.97 8.31
N GLY A 112 11.32 -11.81 7.92
CA GLY A 112 11.09 -13.13 7.32
C GLY A 112 10.19 -13.95 8.23
N GLY A 113 10.60 -13.97 9.50
CA GLY A 113 9.97 -14.69 10.60
C GLY A 113 8.54 -14.28 10.79
N VAL A 114 8.33 -12.97 10.84
CA VAL A 114 6.98 -12.46 11.00
C VAL A 114 6.16 -12.88 9.81
N PHE A 115 6.71 -12.87 8.61
CA PHE A 115 5.96 -13.23 7.40
C PHE A 115 5.64 -14.73 7.32
N GLN A 116 6.54 -15.58 7.82
CA GLN A 116 6.26 -16.97 7.92
C GLN A 116 5.11 -17.28 8.89
N GLU A 117 5.09 -16.68 10.09
CA GLU A 117 4.10 -16.97 11.10
C GLU A 117 2.72 -16.39 10.90
N GLU A 118 2.71 -15.17 10.37
CA GLU A 118 1.42 -14.55 10.17
C GLU A 118 1.03 -14.18 8.78
N PHE A 119 1.95 -14.16 7.81
CA PHE A 119 1.60 -13.70 6.46
C PHE A 119 1.92 -14.67 5.31
N SER A 120 1.86 -15.98 5.59
CA SER A 120 1.87 -17.03 4.56
C SER A 120 3.03 -17.16 3.60
N ALA A 121 4.22 -16.97 4.16
CA ALA A 121 5.43 -17.00 3.38
C ALA A 121 6.12 -18.33 3.51
N ASP A 122 6.47 -18.84 2.33
CA ASP A 122 7.10 -20.13 2.17
C ASP A 122 8.56 -20.13 2.58
N PRO A 123 9.27 -21.24 2.68
CA PRO A 123 10.64 -21.24 3.17
C PRO A 123 11.65 -20.58 2.23
N THR A 124 11.30 -20.47 0.95
CA THR A 124 12.14 -19.81 -0.04
C THR A 124 12.13 -18.32 0.22
N THR A 125 10.95 -17.67 0.34
CA THR A 125 10.74 -16.27 0.65
C THR A 125 11.28 -16.00 2.03
N VAL A 126 11.11 -16.85 3.04
CA VAL A 126 11.72 -16.61 4.32
C VAL A 126 13.22 -16.52 4.15
N ALA A 127 13.77 -17.38 3.30
CA ALA A 127 15.21 -17.34 3.02
C ALA A 127 15.64 -16.05 2.31
N ALA A 128 14.90 -15.65 1.28
CA ALA A 128 15.20 -14.43 0.57
C ALA A 128 15.16 -13.22 1.50
N TRP A 129 14.20 -13.15 2.42
CA TRP A 129 14.12 -12.07 3.40
C TRP A 129 15.27 -12.09 4.38
N GLY A 130 15.86 -13.23 4.71
CA GLY A 130 17.00 -13.27 5.61
C GLY A 130 18.25 -12.66 4.96
N ASP A 131 18.36 -12.84 3.64
CA ASP A 131 19.47 -12.30 2.86
C ASP A 131 19.25 -10.86 2.50
N ALA A 132 18.00 -10.44 2.25
CA ALA A 132 17.65 -9.07 1.96
C ALA A 132 17.99 -8.20 3.17
N ALA A 133 17.76 -8.68 4.39
CA ALA A 133 18.21 -7.99 5.59
C ALA A 133 19.71 -7.65 5.55
N GLY A 134 20.56 -8.59 5.12
CA GLY A 134 22.02 -8.40 5.15
C GLY A 134 22.53 -7.41 4.11
N VAL A 135 21.90 -7.45 2.95
CA VAL A 135 22.20 -6.58 1.82
C VAL A 135 21.90 -5.11 2.15
N LEU A 136 20.68 -4.90 2.65
CA LEU A 136 20.17 -3.59 3.01
C LEU A 136 20.97 -2.91 4.15
N VAL A 137 21.43 -3.72 5.11
CA VAL A 137 22.27 -3.29 6.22
C VAL A 137 23.68 -2.99 5.75
N ALA A 138 24.17 -3.79 4.78
CA ALA A 138 25.48 -3.58 4.17
C ALA A 138 25.42 -2.33 3.31
N ALA A 139 24.34 -1.93 2.67
CA ALA A 139 24.34 -0.68 1.93
C ALA A 139 24.21 0.58 2.77
N MET A 140 23.88 0.41 4.03
CA MET A 140 23.67 1.50 4.96
C MET A 140 24.89 2.19 5.51
N LYS A 141 26.00 1.50 5.56
CA LYS A 141 27.24 2.07 6.03
C LYS A 141 27.98 2.64 4.81
N GLY B 1 -12.58 22.00 -9.91
CA GLY B 1 -11.20 22.11 -10.34
C GLY B 1 -10.37 21.52 -9.19
N LEU B 2 -9.03 21.43 -9.17
CA LEU B 2 -8.38 20.84 -8.03
C LEU B 2 -7.26 21.72 -7.48
N THR B 3 -7.41 22.12 -6.24
CA THR B 3 -6.50 22.99 -5.55
C THR B 3 -5.58 22.21 -4.62
N ALA B 4 -4.56 22.80 -4.01
CA ALA B 4 -3.69 22.06 -3.08
C ALA B 4 -4.34 21.60 -1.77
N ALA B 5 -5.41 22.31 -1.33
CA ALA B 5 -6.16 21.91 -0.13
C ALA B 5 -6.96 20.60 -0.38
N GLN B 6 -7.46 20.50 -1.61
CA GLN B 6 -8.19 19.33 -2.08
C GLN B 6 -7.17 18.19 -2.13
N ILE B 7 -6.03 18.40 -2.75
CA ILE B 7 -5.02 17.36 -2.85
C ILE B 7 -4.64 16.93 -1.44
N LYS B 8 -4.66 17.84 -0.47
CA LYS B 8 -4.33 17.48 0.91
C LYS B 8 -5.38 16.59 1.60
N ALA B 9 -6.66 16.96 1.34
CA ALA B 9 -7.77 16.22 1.90
C ALA B 9 -7.63 14.76 1.43
N ILE B 10 -7.61 14.53 0.11
CA ILE B 10 -7.50 13.21 -0.52
C ILE B 10 -6.29 12.44 -0.03
N GLN B 11 -5.15 13.11 0.16
CA GLN B 11 -3.97 12.39 0.55
C GLN B 11 -3.90 11.99 2.01
N ASP B 12 -4.45 12.88 2.86
CA ASP B 12 -4.48 12.68 4.31
C ASP B 12 -5.42 11.55 4.63
N HIS B 13 -6.57 11.62 3.96
CA HIS B 13 -7.52 10.55 4.01
C HIS B 13 -6.94 9.27 3.46
N TRP B 14 -6.12 9.26 2.41
CA TRP B 14 -5.59 8.00 1.89
C TRP B 14 -4.62 7.43 2.91
N PHE B 15 -3.67 8.15 3.49
CA PHE B 15 -2.81 7.56 4.50
C PHE B 15 -3.54 6.99 5.73
N LEU B 16 -4.52 7.74 6.24
CA LEU B 16 -5.32 7.40 7.43
C LEU B 16 -6.24 6.16 7.32
N ASN B 17 -7.02 6.11 6.25
CA ASN B 17 -8.02 5.11 6.03
C ASN B 17 -7.82 4.06 4.94
N ILE B 18 -6.99 4.36 3.93
CA ILE B 18 -6.97 3.52 2.75
C ILE B 18 -5.67 2.78 2.64
N LYS B 19 -4.52 3.48 2.61
CA LYS B 19 -3.23 2.84 2.44
C LYS B 19 -2.98 1.61 3.31
N GLY B 20 -3.54 1.55 4.50
CA GLY B 20 -3.25 0.46 5.38
C GLY B 20 -4.03 -0.80 5.07
N CYS B 21 -5.07 -0.76 4.24
CA CYS B 21 -5.94 -1.88 3.96
C CYS B 21 -6.41 -1.66 2.52
N LEU B 22 -5.43 -1.63 1.61
CA LEU B 22 -5.67 -1.33 0.20
C LEU B 22 -6.61 -2.36 -0.42
N GLN B 23 -6.48 -3.64 -0.01
CA GLN B 23 -7.32 -4.73 -0.55
C GLN B 23 -8.78 -4.48 -0.22
N ALA B 24 -9.10 -4.16 1.05
CA ALA B 24 -10.48 -3.83 1.39
C ALA B 24 -11.08 -2.69 0.56
N ALA B 25 -10.34 -1.60 0.32
CA ALA B 25 -10.85 -0.46 -0.44
C ALA B 25 -10.98 -0.83 -1.91
N ALA B 26 -10.04 -1.53 -2.49
CA ALA B 26 -10.10 -1.98 -3.88
C ALA B 26 -11.31 -2.86 -4.17
N ASP B 27 -11.60 -3.90 -3.33
CA ASP B 27 -12.78 -4.78 -3.52
C ASP B 27 -14.09 -3.98 -3.44
N SER B 28 -14.31 -3.06 -2.47
CA SER B 28 -15.55 -2.31 -2.43
C SER B 28 -15.65 -1.29 -3.52
N ILE B 29 -14.57 -0.67 -4.01
CA ILE B 29 -14.67 0.29 -5.13
C ILE B 29 -15.16 -0.44 -6.37
N PHE B 30 -14.57 -1.58 -6.69
CA PHE B 30 -15.04 -2.24 -7.89
C PHE B 30 -16.37 -2.92 -7.65
N PHE B 31 -16.66 -3.51 -6.46
CA PHE B 31 -17.96 -4.13 -6.20
C PHE B 31 -19.10 -3.11 -6.44
N LYS B 32 -18.94 -1.86 -5.99
CA LYS B 32 -19.89 -0.80 -6.23
C LYS B 32 -19.98 -0.55 -7.72
N TYR B 33 -18.87 -0.50 -8.44
CA TYR B 33 -18.96 -0.29 -9.89
C TYR B 33 -19.67 -1.46 -10.59
N LEU B 34 -19.42 -2.71 -10.23
CA LEU B 34 -19.99 -3.81 -10.96
C LEU B 34 -21.42 -3.98 -10.53
N THR B 35 -21.91 -3.56 -9.33
CA THR B 35 -23.34 -3.73 -9.14
C THR B 35 -24.09 -2.69 -9.94
N ALA B 36 -23.45 -1.53 -10.18
CA ALA B 36 -24.00 -0.45 -11.02
C ALA B 36 -23.90 -0.70 -12.53
N TYR B 37 -22.85 -1.39 -12.98
CA TYR B 37 -22.59 -1.72 -14.39
C TYR B 37 -22.32 -3.25 -14.53
N PRO B 38 -23.27 -4.14 -14.23
CA PRO B 38 -23.11 -5.58 -14.22
C PRO B 38 -22.57 -6.17 -15.53
N GLY B 39 -23.11 -5.69 -16.66
CA GLY B 39 -22.61 -6.10 -17.96
C GLY B 39 -21.10 -5.91 -18.14
N ASP B 40 -20.46 -4.89 -17.57
CA ASP B 40 -19.03 -4.70 -17.69
C ASP B 40 -18.17 -5.77 -17.03
N LEU B 41 -18.82 -6.70 -16.33
CA LEU B 41 -18.14 -7.84 -15.72
C LEU B 41 -17.58 -8.68 -16.86
N ALA B 42 -18.24 -8.65 -18.02
CA ALA B 42 -17.79 -9.40 -19.18
C ALA B 42 -16.39 -8.98 -19.68
N PHE B 43 -15.82 -7.84 -19.31
CA PHE B 43 -14.48 -7.50 -19.81
C PHE B 43 -13.45 -8.33 -19.06
N PHE B 44 -13.77 -8.85 -17.89
CA PHE B 44 -12.80 -9.52 -17.05
C PHE B 44 -12.91 -11.04 -17.22
N HIS B 45 -12.30 -11.56 -18.27
CA HIS B 45 -12.38 -12.99 -18.63
C HIS B 45 -11.99 -13.93 -17.53
N LYS B 46 -10.98 -13.60 -16.72
CA LYS B 46 -10.57 -14.36 -15.55
C LYS B 46 -11.67 -14.53 -14.47
N PHE B 47 -12.76 -13.76 -14.46
CA PHE B 47 -13.79 -14.00 -13.49
C PHE B 47 -15.15 -13.53 -13.96
N SER B 48 -15.43 -13.40 -15.25
CA SER B 48 -16.72 -12.93 -15.74
C SER B 48 -17.89 -13.89 -15.54
N SER B 49 -17.69 -15.12 -15.06
CA SER B 49 -18.75 -16.07 -14.84
C SER B 49 -19.04 -16.30 -13.37
N VAL B 50 -18.36 -15.53 -12.51
CA VAL B 50 -18.56 -15.61 -11.07
C VAL B 50 -19.81 -14.78 -10.83
N PRO B 51 -20.79 -15.16 -10.01
CA PRO B 51 -21.93 -14.31 -9.70
C PRO B 51 -21.43 -13.19 -8.76
N LEU B 52 -22.06 -12.01 -8.82
CA LEU B 52 -21.70 -10.83 -8.03
C LEU B 52 -21.37 -11.07 -6.55
N TYR B 53 -22.23 -11.85 -5.88
CA TYR B 53 -22.00 -12.20 -4.49
C TYR B 53 -20.80 -13.08 -4.27
N GLY B 54 -20.22 -13.73 -5.28
CA GLY B 54 -18.99 -14.46 -5.03
C GLY B 54 -17.70 -13.71 -5.32
N LEU B 55 -17.71 -12.45 -5.80
CA LEU B 55 -16.48 -11.76 -6.18
C LEU B 55 -15.53 -11.41 -5.04
N ARG B 56 -16.03 -10.94 -3.89
CA ARG B 56 -15.20 -10.55 -2.76
C ARG B 56 -14.33 -11.67 -2.20
N SER B 57 -14.72 -12.90 -2.54
CA SER B 57 -14.17 -14.15 -2.09
C SER B 57 -13.31 -14.82 -3.19
N ASN B 58 -13.47 -14.36 -4.42
CA ASN B 58 -12.76 -14.87 -5.55
C ASN B 58 -11.34 -14.30 -5.61
N PRO B 59 -10.24 -15.05 -5.47
CA PRO B 59 -8.86 -14.59 -5.69
C PRO B 59 -8.54 -13.89 -7.03
N ALA B 60 -9.28 -14.20 -8.11
CA ALA B 60 -8.96 -13.55 -9.37
C ALA B 60 -9.47 -12.12 -9.32
N TYR B 61 -10.53 -11.88 -8.55
CA TYR B 61 -11.04 -10.53 -8.37
C TYR B 61 -10.10 -9.72 -7.50
N LYS B 62 -9.65 -10.34 -6.43
CA LYS B 62 -8.84 -9.70 -5.41
C LYS B 62 -7.51 -9.28 -5.95
N ALA B 63 -6.91 -10.13 -6.81
CA ALA B 63 -5.66 -9.77 -7.46
C ALA B 63 -5.87 -8.62 -8.44
N GLN B 64 -6.99 -8.63 -9.16
CA GLN B 64 -7.28 -7.54 -10.08
C GLN B 64 -7.53 -6.21 -9.39
N THR B 65 -8.36 -6.12 -8.36
CA THR B 65 -8.61 -4.86 -7.71
C THR B 65 -7.40 -4.37 -6.94
N LEU B 66 -6.61 -5.28 -6.34
CA LEU B 66 -5.35 -4.85 -5.79
C LEU B 66 -4.41 -4.35 -6.90
N THR B 67 -4.34 -4.88 -8.14
CA THR B 67 -3.51 -4.30 -9.20
C THR B 67 -4.01 -2.87 -9.49
N VAL B 68 -5.33 -2.62 -9.50
CA VAL B 68 -5.79 -1.29 -9.80
C VAL B 68 -5.44 -0.38 -8.61
N ILE B 69 -5.72 -0.72 -7.35
CA ILE B 69 -5.51 0.19 -6.24
C ILE B 69 -4.03 0.53 -6.07
N ASN B 70 -3.13 -0.39 -6.42
CA ASN B 70 -1.69 -0.22 -6.32
C ASN B 70 -1.24 0.85 -7.33
N TYR B 71 -1.85 0.88 -8.52
CA TYR B 71 -1.59 1.93 -9.49
C TYR B 71 -2.25 3.21 -8.97
N LEU B 72 -3.52 3.25 -8.54
CA LEU B 72 -4.11 4.47 -7.98
C LEU B 72 -3.30 5.03 -6.83
N ASP B 73 -2.66 4.24 -5.97
CA ASP B 73 -1.83 4.75 -4.90
C ASP B 73 -0.77 5.67 -5.50
N LYS B 74 -0.09 5.19 -6.56
CA LYS B 74 0.92 5.95 -7.29
C LYS B 74 0.28 7.21 -7.86
N VAL B 75 -0.97 7.22 -8.35
CA VAL B 75 -1.65 8.43 -8.83
C VAL B 75 -1.94 9.42 -7.68
N VAL B 76 -2.34 8.92 -6.51
CA VAL B 76 -2.68 9.80 -5.41
C VAL B 76 -1.43 10.48 -4.87
N ASP B 77 -0.32 9.77 -4.77
CA ASP B 77 0.94 10.37 -4.35
C ASP B 77 1.39 11.41 -5.36
N ALA B 78 0.86 11.38 -6.58
CA ALA B 78 1.28 12.25 -7.67
C ALA B 78 0.25 13.31 -7.97
N LEU B 79 -0.76 13.53 -7.14
CA LEU B 79 -1.77 14.50 -7.48
C LEU B 79 -1.26 15.92 -7.62
N GLY B 80 -0.17 16.32 -6.99
CA GLY B 80 0.42 17.61 -7.36
C GLY B 80 1.41 17.39 -8.53
N GLY B 81 1.00 17.08 -9.77
CA GLY B 81 2.04 16.82 -10.75
C GLY B 81 1.70 15.72 -11.73
N ASN B 82 2.54 14.70 -11.86
CA ASN B 82 2.32 13.80 -12.98
C ASN B 82 1.24 12.73 -12.89
N ALA B 83 0.25 12.90 -12.01
CA ALA B 83 -0.92 12.03 -11.93
C ALA B 83 -1.64 11.87 -13.28
N GLY B 84 -1.91 13.00 -13.96
CA GLY B 84 -2.48 13.03 -15.30
C GLY B 84 -1.69 12.20 -16.29
N ALA B 85 -0.37 12.15 -16.16
CA ALA B 85 0.42 11.34 -17.07
C ALA B 85 0.31 9.86 -16.74
N LEU B 86 0.09 9.56 -15.46
CA LEU B 86 -0.06 8.21 -15.00
C LEU B 86 -1.45 7.71 -15.41
N MET B 87 -2.52 8.50 -15.39
CA MET B 87 -3.78 8.05 -15.97
C MET B 87 -3.63 7.84 -17.47
N LYS B 88 -2.94 8.76 -18.17
CA LYS B 88 -2.70 8.72 -19.60
C LYS B 88 -2.09 7.40 -20.03
N ALA B 89 -0.94 7.02 -19.47
CA ALA B 89 -0.32 5.74 -19.75
C ALA B 89 -1.19 4.46 -19.78
N LYS B 90 -2.45 4.44 -19.32
CA LYS B 90 -3.25 3.21 -19.30
C LYS B 90 -4.37 3.20 -20.33
N VAL B 91 -4.56 4.32 -21.07
CA VAL B 91 -5.57 4.45 -22.09
C VAL B 91 -5.21 3.46 -23.19
N PRO B 92 -4.05 3.37 -23.91
CA PRO B 92 -3.75 2.37 -24.96
C PRO B 92 -4.17 0.95 -24.62
N SER B 93 -3.66 0.48 -23.50
CA SER B 93 -3.95 -0.84 -22.98
C SER B 93 -5.43 -1.11 -22.85
N HIS B 94 -6.22 -0.16 -22.32
CA HIS B 94 -7.63 -0.40 -22.11
C HIS B 94 -8.41 -0.21 -23.38
N ASP B 95 -7.86 0.63 -24.26
CA ASP B 95 -8.48 0.91 -25.54
C ASP B 95 -8.56 -0.34 -26.40
N ALA B 96 -7.48 -1.14 -26.39
CA ALA B 96 -7.42 -2.45 -27.03
C ALA B 96 -8.66 -3.26 -26.70
N MET B 97 -9.01 -3.21 -25.42
CA MET B 97 -10.10 -3.95 -24.81
C MET B 97 -11.50 -3.39 -24.98
N GLY B 98 -11.65 -2.19 -25.50
CA GLY B 98 -12.97 -1.62 -25.66
C GLY B 98 -13.41 -0.72 -24.52
N ILE B 99 -12.49 -0.41 -23.60
CA ILE B 99 -12.74 0.38 -22.40
C ILE B 99 -12.26 1.80 -22.58
N THR B 100 -13.15 2.77 -22.66
CA THR B 100 -12.79 4.18 -22.78
C THR B 100 -12.73 4.98 -21.47
N PRO B 101 -12.15 6.20 -21.43
CA PRO B 101 -12.47 7.26 -20.47
C PRO B 101 -13.93 7.43 -19.98
N LYS B 102 -14.95 6.93 -20.68
CA LYS B 102 -16.31 6.97 -20.16
C LYS B 102 -16.38 5.96 -19.00
N HIS B 103 -15.79 4.75 -19.14
CA HIS B 103 -15.76 3.70 -18.11
C HIS B 103 -14.95 4.05 -16.89
N PHE B 104 -13.82 4.71 -17.12
CA PHE B 104 -12.93 5.23 -16.10
C PHE B 104 -13.62 6.30 -15.29
N GLY B 105 -14.38 7.20 -15.91
CA GLY B 105 -15.11 8.26 -15.22
C GLY B 105 -16.19 7.68 -14.32
N GLN B 106 -16.86 6.65 -14.82
CA GLN B 106 -17.79 5.86 -14.05
C GLN B 106 -17.12 5.25 -12.80
N LEU B 107 -15.90 4.71 -12.86
CA LEU B 107 -15.25 4.17 -11.67
C LEU B 107 -14.80 5.31 -10.73
N LEU B 108 -14.16 6.35 -11.24
CA LEU B 108 -13.68 7.43 -10.43
C LEU B 108 -14.82 8.27 -9.80
N LYS B 109 -16.03 8.33 -10.33
CA LYS B 109 -17.16 9.07 -9.81
C LYS B 109 -17.72 8.37 -8.56
N LEU B 110 -17.43 7.10 -8.36
CA LEU B 110 -17.94 6.35 -7.23
C LEU B 110 -17.03 6.30 -6.01
N VAL B 111 -15.75 6.59 -6.10
CA VAL B 111 -14.89 6.37 -4.94
C VAL B 111 -15.10 7.38 -3.81
N GLY B 112 -15.60 8.60 -4.03
CA GLY B 112 -15.86 9.54 -2.97
C GLY B 112 -16.94 8.95 -2.08
N GLY B 113 -17.97 8.42 -2.73
CA GLY B 113 -19.11 7.75 -2.08
C GLY B 113 -18.70 6.49 -1.33
N VAL B 114 -17.97 5.56 -1.95
CA VAL B 114 -17.48 4.38 -1.24
C VAL B 114 -16.61 4.83 -0.08
N PHE B 115 -15.79 5.90 -0.21
CA PHE B 115 -14.97 6.28 0.92
C PHE B 115 -15.83 6.89 2.03
N GLN B 116 -16.88 7.60 1.73
CA GLN B 116 -17.76 8.09 2.77
C GLN B 116 -18.45 6.88 3.41
N GLU B 117 -19.14 6.03 2.65
CA GLU B 117 -19.88 4.87 3.18
C GLU B 117 -19.09 3.91 4.04
N GLU B 118 -17.83 3.66 3.69
CA GLU B 118 -17.09 2.60 4.36
C GLU B 118 -15.73 2.97 4.81
N PHE B 119 -15.14 4.09 4.36
CA PHE B 119 -13.78 4.41 4.77
C PHE B 119 -13.61 5.78 5.44
N SER B 120 -14.66 6.23 6.13
CA SER B 120 -14.66 7.39 7.01
C SER B 120 -14.12 8.70 6.42
N ALA B 121 -14.57 8.94 5.18
CA ALA B 121 -14.20 10.17 4.52
C ALA B 121 -15.16 11.27 4.90
N ASP B 122 -14.57 12.38 5.30
CA ASP B 122 -15.31 13.57 5.64
C ASP B 122 -15.80 14.28 4.36
N PRO B 123 -16.82 15.14 4.46
CA PRO B 123 -17.42 15.82 3.31
C PRO B 123 -16.43 16.56 2.39
N THR B 124 -15.36 17.09 2.99
CA THR B 124 -14.40 17.87 2.22
C THR B 124 -13.64 16.89 1.31
N THR B 125 -13.19 15.75 1.88
CA THR B 125 -12.57 14.68 1.11
C THR B 125 -13.54 14.17 0.03
N VAL B 126 -14.81 13.87 0.33
CA VAL B 126 -15.75 13.37 -0.69
C VAL B 126 -15.91 14.33 -1.86
N ALA B 127 -16.09 15.63 -1.60
CA ALA B 127 -16.19 16.68 -2.62
C ALA B 127 -14.89 16.79 -3.40
N ALA B 128 -13.73 16.65 -2.74
CA ALA B 128 -12.45 16.71 -3.45
C ALA B 128 -12.28 15.53 -4.38
N TRP B 129 -12.85 14.37 -4.05
CA TRP B 129 -12.76 13.22 -4.91
C TRP B 129 -13.67 13.49 -6.10
N GLY B 130 -14.78 14.19 -5.91
CA GLY B 130 -15.69 14.55 -7.01
C GLY B 130 -14.97 15.37 -8.06
N ASP B 131 -14.22 16.38 -7.60
CA ASP B 131 -13.36 17.18 -8.45
C ASP B 131 -12.25 16.34 -9.07
N ALA B 132 -11.47 15.59 -8.30
CA ALA B 132 -10.40 14.75 -8.85
C ALA B 132 -10.81 13.81 -10.01
N ALA B 133 -12.01 13.25 -9.97
CA ALA B 133 -12.44 12.37 -11.03
C ALA B 133 -12.46 13.18 -12.33
N GLY B 134 -13.12 14.35 -12.32
CA GLY B 134 -13.25 15.22 -13.48
C GLY B 134 -11.88 15.61 -14.10
N VAL B 135 -10.95 15.92 -13.20
CA VAL B 135 -9.58 16.25 -13.54
C VAL B 135 -8.88 15.06 -14.19
N LEU B 136 -8.93 13.88 -13.56
CA LEU B 136 -8.15 12.74 -14.02
C LEU B 136 -8.64 12.11 -15.32
N VAL B 137 -9.96 12.07 -15.53
CA VAL B 137 -10.53 11.65 -16.79
C VAL B 137 -10.16 12.61 -17.92
N ALA B 138 -10.04 13.92 -17.65
CA ALA B 138 -9.69 14.94 -18.63
C ALA B 138 -8.23 14.75 -19.06
N ALA B 139 -7.38 14.28 -18.17
CA ALA B 139 -6.00 14.01 -18.48
C ALA B 139 -5.74 12.94 -19.53
N MET B 140 -6.77 12.17 -19.85
CA MET B 140 -6.61 11.04 -20.73
C MET B 140 -6.63 11.42 -22.20
N LYS B 141 -7.26 12.54 -22.53
CA LYS B 141 -7.16 13.06 -23.88
C LYS B 141 -5.80 13.78 -23.95
C CYN C . 10.91 4.04 12.56
N CYN C . 10.01 4.25 13.22
CHA HEM D . 10.92 7.97 12.32
CHB HEM D . 11.75 4.91 8.75
CHC HEM D . 13.65 1.86 11.82
CHD HEM D . 12.98 4.94 15.31
C1A HEM D . 10.86 7.35 11.07
C2A HEM D . 10.31 7.94 9.92
C3A HEM D . 10.51 7.02 8.90
C4A HEM D . 11.21 5.96 9.48
CMA HEM D . 10.03 7.08 7.46
CAA HEM D . 9.67 9.32 9.80
CBA HEM D . 10.66 10.48 9.55
CGA HEM D . 11.66 10.26 8.41
O1A HEM D . 11.26 10.45 7.24
O2A HEM D . 12.82 9.89 8.64
C1B HEM D . 12.34 3.75 9.24
C2B HEM D . 12.76 2.67 8.47
C3B HEM D . 13.18 1.74 9.40
C4B HEM D . 13.14 2.39 10.63
CMB HEM D . 12.63 2.55 6.94
CAB HEM D . 13.61 0.42 9.25
CBB HEM D . 13.91 -0.29 8.02
C1C HEM D . 13.53 2.34 13.12
C2C HEM D . 13.98 1.66 14.25
C3C HEM D . 13.82 2.61 15.27
C4C HEM D . 13.23 3.73 14.67
CMC HEM D . 14.53 0.22 14.27
CAC HEM D . 14.19 2.57 16.62
CBC HEM D . 15.00 1.60 17.30
C1D HEM D . 12.31 6.05 14.85
C2D HEM D . 11.94 7.14 15.65
C3D HEM D . 11.12 7.89 14.83
C4D HEM D . 11.31 7.39 13.54
CMD HEM D . 12.16 7.32 17.13
CAD HEM D . 9.96 8.69 15.31
CBD HEM D . 9.87 10.12 14.92
CGD HEM D . 8.65 10.60 15.65
O1D HEM D . 8.73 10.71 16.89
O2D HEM D . 7.60 10.70 15.01
NA HEM D . 11.26 6.11 10.81
NB HEM D . 12.54 3.55 10.52
NC HEM D . 12.93 3.50 13.41
ND HEM D . 11.88 6.18 13.60
FE HEM D . 12.40 4.94 12.06
C CYN E . -8.70 -2.23 -14.17
N CYN E . -8.87 -3.21 -13.63
CHA HEM F . -6.19 -4.16 -16.32
CHB HEM F . -5.50 0.03 -14.21
CHC HEM F . -10.04 1.10 -15.01
CHD HEM F . -10.66 -3.08 -17.09
C1A HEM F . -5.58 -3.14 -15.57
C2A HEM F . -4.24 -3.15 -15.20
C3A HEM F . -4.05 -1.94 -14.54
C4A HEM F . -5.27 -1.29 -14.62
CMA HEM F . -2.75 -1.43 -13.89
CAA HEM F . -3.21 -4.21 -15.55
CBA HEM F . -2.59 -4.00 -16.95
CGA HEM F . -1.58 -2.85 -17.10
O1A HEM F . -0.58 -2.78 -16.37
O2A HEM F . -1.77 -1.97 -17.94
C1B HEM F . -6.72 0.71 -14.17
C2B HEM F . -6.85 1.98 -13.72
C3B HEM F . -8.21 2.23 -13.75
C4B HEM F . -8.76 1.18 -14.46
CMB HEM F . -5.71 2.88 -13.25
CAB HEM F . -8.83 3.37 -13.19
CBB HEM F . -10.24 3.62 -12.97
C1C HEM F . -10.69 0.00 -15.58
C2C HEM F . -12.03 -0.01 -15.98
C3C HEM F . -12.23 -1.30 -16.49
C4C HEM F . -10.97 -1.89 -16.48
CMC HEM F . -13.02 1.10 -15.68
CAC HEM F . -13.37 -1.99 -16.88
CBC HEM F . -14.76 -1.53 -16.81
C1D HEM F . -9.51 -3.83 -17.01
C2D HEM F . -9.36 -5.08 -17.58
C3D HEM F . -8.05 -5.41 -17.39
C4D HEM F . -7.52 -4.33 -16.68
CMD HEM F . -10.46 -5.90 -18.23
CAD HEM F . -7.37 -6.67 -17.87
CBD HEM F . -7.43 -7.73 -16.81
CGD HEM F . -6.80 -9.06 -17.14
O1D HEM F . -7.46 -9.95 -17.70
O2D HEM F . -5.65 -9.32 -16.78
NA HEM F . -6.22 -2.06 -15.12
NB HEM F . -7.88 0.19 -14.53
NC HEM F . -10.12 -1.18 -15.77
ND HEM F . -8.43 -3.43 -16.33
FE HEM F . -8.09 -1.47 -15.73
#